data_4NV8
#
_entry.id   4NV8
#
_cell.length_a   52.860
_cell.length_b   115.080
_cell.length_c   115.570
_cell.angle_alpha   90.00
_cell.angle_beta   90.00
_cell.angle_gamma   90.00
#
_symmetry.space_group_name_H-M   'P 21 21 21'
#
loop_
_entity.id
_entity.type
_entity.pdbx_description
1 polymer 'Arylamine N-acetyltransferase'
2 water water
#
_entity_poly.entity_id   1
_entity_poly.type   'polypeptide(L)'
_entity_poly.pdbx_seq_one_letter_code
;MGSSHHHHHHSSGLVPRGSHMASNTGGQQMGRGSMNDAPPFDLDAYLARIGYTGPRNASLDTLKALHFAHPQAIPWENID
PFLGRPVRLDLAALQDKIVLGGRGGYCFEHNLLFMHALKALGFEVGGLAARVLWGQSEDAITARSHMLLRVELDGRTYIA
DVGFGGLTLTAPLLLEPGREQKTPHEPFRIVEADDHFRLQAAIGGDWRSLYRFDLQPQYEVDYSVTNYFLSTSPTSHFLS
SVIAARAAPDRRYALRGNRLSIHHLGGRTEQTEIATAADLADTLQGLLGIIIPDRTAFEAKVRETKIVETNA
;
_entity_poly.pdbx_strand_id   A,B
#
# COMPACT_ATOMS: atom_id res chain seq x y z
N PRO A 39 -23.92 3.92 4.31
CA PRO A 39 -25.03 3.57 5.20
C PRO A 39 -24.62 3.39 6.66
N PRO A 40 -25.58 3.12 7.56
CA PRO A 40 -25.09 2.63 8.84
C PRO A 40 -24.81 1.14 8.77
N PHE A 41 -24.18 0.64 9.83
CA PHE A 41 -23.92 -0.76 9.98
C PHE A 41 -25.12 -1.45 10.63
N ASP A 42 -25.62 -2.51 10.00
CA ASP A 42 -26.68 -3.30 10.61
C ASP A 42 -26.10 -4.35 11.53
N LEU A 43 -26.01 -4.04 12.82
CA LEU A 43 -25.42 -4.97 13.77
C LEU A 43 -26.27 -6.23 13.96
N ASP A 44 -27.59 -6.07 14.01
CA ASP A 44 -28.46 -7.27 14.18
C ASP A 44 -28.20 -8.26 13.09
N ALA A 45 -28.15 -7.79 11.85
CA ALA A 45 -27.99 -8.66 10.69
C ALA A 45 -26.63 -9.37 10.75
N TYR A 46 -25.59 -8.64 11.16
CA TYR A 46 -24.24 -9.24 11.25
C TYR A 46 -24.22 -10.35 12.32
N LEU A 47 -24.79 -10.06 13.48
CA LEU A 47 -24.80 -11.01 14.58
C LEU A 47 -25.63 -12.23 14.19
N ALA A 48 -26.67 -12.02 13.38
CA ALA A 48 -27.45 -13.14 12.84
C ALA A 48 -26.61 -13.99 11.88
N ARG A 49 -25.84 -13.34 11.00
CA ARG A 49 -24.97 -14.04 10.09
C ARG A 49 -24.01 -15.00 10.85
N ILE A 50 -23.48 -14.55 11.99
CA ILE A 50 -22.50 -15.35 12.71
C ILE A 50 -23.11 -16.15 13.85
N GLY A 51 -24.43 -16.03 14.05
CA GLY A 51 -25.15 -16.86 15.01
C GLY A 51 -24.89 -16.47 16.43
N TYR A 52 -24.62 -15.19 16.65
CA TYR A 52 -24.31 -14.72 18.00
C TYR A 52 -25.57 -14.18 18.62
N THR A 53 -25.96 -14.77 19.75
CA THR A 53 -27.16 -14.35 20.47
C THR A 53 -26.82 -13.94 21.90
N GLY A 54 -25.54 -13.69 22.17
CA GLY A 54 -25.13 -13.34 23.52
C GLY A 54 -25.33 -11.87 23.82
N PRO A 55 -24.88 -11.44 25.00
CA PRO A 55 -24.94 -10.05 25.43
C PRO A 55 -24.25 -9.10 24.46
N ARG A 56 -24.79 -7.90 24.32
CA ARG A 56 -24.23 -6.92 23.44
C ARG A 56 -23.59 -5.81 24.22
N ASN A 57 -22.30 -5.97 24.45
CA ASN A 57 -21.54 -5.01 25.21
C ASN A 57 -20.08 -5.11 24.78
N ALA A 58 -19.22 -4.29 25.36
CA ALA A 58 -17.85 -4.19 24.92
C ALA A 58 -16.90 -4.89 25.89
N SER A 59 -17.28 -6.10 26.31
CA SER A 59 -16.52 -6.87 27.28
C SER A 59 -15.56 -7.81 26.60
N LEU A 60 -14.55 -8.26 27.35
CA LEU A 60 -13.65 -9.30 26.89
C LEU A 60 -14.42 -10.61 26.58
N ASP A 61 -15.39 -10.97 27.42
CA ASP A 61 -16.23 -12.14 27.14
C ASP A 61 -16.87 -12.04 25.76
N THR A 62 -17.44 -10.88 25.45
CA THR A 62 -18.08 -10.69 24.15
C THR A 62 -17.07 -10.78 23.00
N LEU A 63 -15.92 -10.14 23.19
CA LEU A 63 -14.90 -10.16 22.17
C LEU A 63 -14.49 -11.59 21.88
N LYS A 64 -14.30 -12.37 22.93
CA LYS A 64 -13.94 -13.76 22.75
C LYS A 64 -15.00 -14.56 21.99
N ALA A 65 -16.26 -14.34 22.36
CA ALA A 65 -17.36 -15.05 21.73
C ALA A 65 -17.45 -14.72 20.23
N LEU A 66 -17.34 -13.45 19.91
CA LEU A 66 -17.40 -13.01 18.52
C LEU A 66 -16.21 -13.52 17.72
N HIS A 67 -15.04 -13.53 18.36
CA HIS A 67 -13.81 -13.92 17.68
C HIS A 67 -13.81 -15.40 17.33
N PHE A 68 -14.57 -16.18 18.12
CA PHE A 68 -14.77 -17.61 17.89
C PHE A 68 -15.84 -17.87 16.84
N ALA A 69 -16.95 -17.14 16.95
CA ALA A 69 -18.13 -17.39 16.11
C ALA A 69 -17.93 -16.96 14.67
N HIS A 70 -17.31 -15.77 14.46
CA HIS A 70 -17.16 -15.22 13.12
C HIS A 70 -16.48 -16.15 12.11
N PRO A 71 -15.26 -16.67 12.44
CA PRO A 71 -14.60 -17.48 11.46
C PRO A 71 -15.16 -18.88 11.29
N GLN A 72 -16.06 -19.30 12.16
CA GLN A 72 -16.82 -20.53 11.90
C GLN A 72 -17.98 -20.27 10.94
N ALA A 73 -18.58 -19.10 11.00
CA ALA A 73 -19.76 -18.78 10.17
C ALA A 73 -19.42 -18.24 8.80
N ILE A 74 -18.35 -17.45 8.71
CA ILE A 74 -17.98 -16.80 7.47
C ILE A 74 -16.66 -17.35 6.94
N PRO A 75 -16.65 -18.01 5.76
CA PRO A 75 -15.42 -18.64 5.32
C PRO A 75 -14.42 -17.64 4.74
N TRP A 76 -13.16 -18.04 4.80
CA TRP A 76 -12.12 -17.33 4.09
C TRP A 76 -12.07 -17.87 2.70
N GLU A 77 -12.16 -17.00 1.71
CA GLU A 77 -12.10 -17.42 0.34
C GLU A 77 -11.70 -16.29 -0.59
N ASN A 78 -11.18 -16.66 -1.74
CA ASN A 78 -10.74 -15.73 -2.77
C ASN A 78 -11.48 -15.94 -4.10
N ILE A 79 -12.75 -16.30 -4.01
CA ILE A 79 -13.57 -16.60 -5.19
C ILE A 79 -13.58 -15.40 -6.12
N ASP A 80 -13.89 -14.21 -5.62
CA ASP A 80 -13.98 -13.06 -6.52
C ASP A 80 -12.65 -12.72 -7.21
N PRO A 81 -11.54 -12.60 -6.46
CA PRO A 81 -10.25 -12.38 -7.13
C PRO A 81 -9.93 -13.46 -8.18
N PHE A 82 -10.21 -14.71 -7.85
CA PHE A 82 -9.97 -15.82 -8.77
C PHE A 82 -10.83 -15.64 -10.05
N LEU A 83 -12.07 -15.20 -9.91
CA LEU A 83 -12.95 -15.05 -11.07
C LEU A 83 -12.73 -13.69 -11.74
N GLY A 84 -11.81 -12.87 -11.23
CA GLY A 84 -11.54 -11.55 -11.78
C GLY A 84 -12.63 -10.54 -11.49
N ARG A 85 -13.39 -10.74 -10.42
CA ARG A 85 -14.42 -9.80 -10.05
C ARG A 85 -13.85 -8.85 -9.01
N PRO A 86 -14.23 -7.57 -9.09
CA PRO A 86 -13.70 -6.59 -8.12
C PRO A 86 -14.11 -6.87 -6.69
N VAL A 87 -13.20 -6.60 -5.74
CA VAL A 87 -13.49 -6.75 -4.35
C VAL A 87 -13.67 -5.37 -3.77
N ARG A 88 -14.85 -5.10 -3.23
CA ARG A 88 -15.16 -3.78 -2.69
C ARG A 88 -15.07 -3.81 -1.21
N LEU A 89 -14.45 -2.79 -0.63
CA LEU A 89 -14.25 -2.76 0.81
C LEU A 89 -15.14 -1.79 1.58
N ASP A 90 -15.92 -0.98 0.87
CA ASP A 90 -16.85 -0.06 1.54
C ASP A 90 -17.91 -0.82 2.30
N LEU A 91 -18.38 -0.20 3.38
CA LEU A 91 -19.26 -0.86 4.32
C LEU A 91 -20.51 -1.42 3.63
N ALA A 92 -21.09 -0.66 2.71
CA ALA A 92 -22.30 -1.10 2.04
C ALA A 92 -22.05 -2.42 1.31
N ALA A 93 -20.96 -2.49 0.54
CA ALA A 93 -20.66 -3.64 -0.25
C ALA A 93 -20.31 -4.87 0.62
N LEU A 94 -19.58 -4.65 1.71
CA LEU A 94 -19.23 -5.76 2.63
C LEU A 94 -20.49 -6.36 3.24
N GLN A 95 -21.37 -5.53 3.73
CA GLN A 95 -22.60 -6.04 4.30
C GLN A 95 -23.42 -6.81 3.26
N ASP A 96 -23.55 -6.25 2.06
CA ASP A 96 -24.34 -6.89 1.01
C ASP A 96 -23.71 -8.23 0.55
N LYS A 97 -22.40 -8.29 0.41
CA LYS A 97 -21.75 -9.49 -0.03
C LYS A 97 -21.78 -10.59 1.03
N ILE A 98 -21.39 -10.22 2.24
CA ILE A 98 -21.12 -11.18 3.27
C ILE A 98 -22.31 -11.41 4.17
N VAL A 99 -22.89 -10.33 4.70
CA VAL A 99 -23.93 -10.43 5.71
C VAL A 99 -25.27 -10.81 5.04
N LEU A 100 -25.65 -10.07 4.02
CA LEU A 100 -26.91 -10.40 3.28
C LEU A 100 -26.71 -11.49 2.24
N GLY A 101 -25.66 -11.39 1.41
CA GLY A 101 -25.44 -12.30 0.33
C GLY A 101 -24.92 -13.65 0.79
N GLY A 102 -24.53 -13.77 2.05
CA GLY A 102 -24.08 -15.04 2.61
C GLY A 102 -22.76 -15.59 2.06
N ARG A 103 -21.92 -14.74 1.50
CA ARG A 103 -20.62 -15.18 0.98
C ARG A 103 -19.55 -14.89 2.06
N GLY A 104 -18.30 -15.18 1.71
CA GLY A 104 -17.15 -14.91 2.60
C GLY A 104 -16.23 -13.91 1.93
N GLY A 105 -14.93 -14.02 2.22
CA GLY A 105 -13.98 -13.12 1.63
C GLY A 105 -12.60 -13.35 2.20
N TYR A 106 -11.67 -12.46 1.84
CA TYR A 106 -10.30 -12.55 2.39
C TYR A 106 -10.04 -11.47 3.46
N CYS A 107 -8.75 -11.22 3.78
CA CYS A 107 -8.46 -10.61 5.06
C CYS A 107 -9.14 -9.25 5.26
N PHE A 108 -9.12 -8.39 4.26
CA PHE A 108 -9.67 -7.03 4.45
C PHE A 108 -11.20 -7.07 4.68
N GLU A 109 -11.84 -7.98 3.95
CA GLU A 109 -13.30 -8.12 4.07
C GLU A 109 -13.71 -8.59 5.45
N HIS A 110 -13.06 -9.64 5.93
CA HIS A 110 -13.26 -10.12 7.26
C HIS A 110 -13.01 -9.08 8.34
N ASN A 111 -11.85 -8.45 8.31
CA ASN A 111 -11.50 -7.62 9.44
C ASN A 111 -12.11 -6.24 9.41
N LEU A 112 -12.42 -5.72 8.23
CA LEU A 112 -13.21 -4.48 8.16
C LEU A 112 -14.58 -4.73 8.72
N LEU A 113 -15.20 -5.84 8.33
CA LEU A 113 -16.53 -6.14 8.86
C LEU A 113 -16.48 -6.32 10.35
N PHE A 114 -15.51 -7.09 10.80
CA PHE A 114 -15.39 -7.36 12.21
C PHE A 114 -15.18 -6.05 12.97
N MET A 115 -14.32 -5.17 12.46
CA MET A 115 -14.12 -3.87 13.10
C MET A 115 -15.42 -3.05 13.22
N HIS A 116 -16.18 -2.99 12.13
CA HIS A 116 -17.47 -2.28 12.16
C HIS A 116 -18.37 -2.82 13.26
N ALA A 117 -18.43 -4.13 13.39
CA ALA A 117 -19.24 -4.77 14.40
C ALA A 117 -18.76 -4.43 15.81
N LEU A 118 -17.44 -4.51 16.02
CA LEU A 118 -16.89 -4.18 17.33
C LEU A 118 -17.13 -2.73 17.68
N LYS A 119 -16.93 -1.84 16.71
CA LYS A 119 -17.25 -0.41 16.94
C LYS A 119 -18.73 -0.22 17.31
N ALA A 120 -19.62 -0.96 16.66
CA ALA A 120 -21.06 -0.89 16.94
C ALA A 120 -21.38 -1.34 18.35
N LEU A 121 -20.59 -2.29 18.87
CA LEU A 121 -20.76 -2.81 20.22
C LEU A 121 -20.09 -1.96 21.29
N GLY A 122 -19.35 -0.93 20.89
CA GLY A 122 -18.76 -0.02 21.84
C GLY A 122 -17.28 -0.27 22.10
N PHE A 123 -16.65 -1.21 21.38
CA PHE A 123 -15.21 -1.40 21.54
C PHE A 123 -14.38 -0.26 20.94
N GLU A 124 -13.19 -0.05 21.51
CA GLU A 124 -12.20 0.86 20.96
C GLU A 124 -11.27 0.04 20.05
N VAL A 125 -11.34 0.28 18.74
CA VAL A 125 -10.71 -0.60 17.76
C VAL A 125 -10.09 0.22 16.67
N GLY A 126 -8.94 -0.23 16.21
CA GLY A 126 -8.22 0.39 15.13
C GLY A 126 -7.66 -0.66 14.19
N GLY A 127 -7.38 -0.26 12.97
CA GLY A 127 -6.78 -1.13 11.98
C GLY A 127 -5.25 -1.13 12.06
N LEU A 128 -4.68 -2.31 11.81
CA LEU A 128 -3.21 -2.51 11.65
C LEU A 128 -2.93 -3.21 10.37
N ALA A 129 -1.67 -3.31 9.95
CA ALA A 129 -1.31 -4.07 8.77
C ALA A 129 -0.11 -4.94 9.11
N ALA A 130 0.12 -5.96 8.32
CA ALA A 130 1.22 -6.93 8.58
C ALA A 130 1.83 -7.45 7.31
N ARG A 131 3.09 -7.88 7.40
CA ARG A 131 3.74 -8.55 6.33
C ARG A 131 3.68 -10.05 6.61
N VAL A 132 3.28 -10.83 5.63
CA VAL A 132 3.02 -12.25 5.88
C VAL A 132 4.35 -13.00 5.84
N LEU A 133 4.51 -13.90 6.81
CA LEU A 133 5.71 -14.74 6.94
C LEU A 133 5.41 -16.22 6.67
N TRP A 134 4.22 -16.64 7.03
CA TRP A 134 3.73 -18.01 6.83
C TRP A 134 3.92 -18.47 5.38
N GLY A 135 4.59 -19.58 5.15
CA GLY A 135 4.75 -20.11 3.78
C GLY A 135 5.60 -19.30 2.82
N GLN A 136 6.16 -18.18 3.27
CA GLN A 136 6.99 -17.36 2.39
C GLN A 136 8.40 -17.92 2.44
N SER A 137 9.32 -17.30 1.70
CA SER A 137 10.73 -17.65 1.74
C SER A 137 11.51 -16.59 2.52
N GLU A 138 12.46 -17.02 3.34
CA GLU A 138 13.31 -16.08 4.06
C GLU A 138 14.42 -15.61 3.12
N ALA A 140 12.30 -13.12 2.48
CA ALA A 140 12.67 -11.71 2.39
C ALA A 140 11.56 -10.86 3.01
N ILE A 141 11.66 -9.55 2.87
CA ILE A 141 10.62 -8.65 3.35
C ILE A 141 9.49 -8.73 2.32
N THR A 142 8.30 -9.11 2.79
CA THR A 142 7.10 -9.16 1.97
C THR A 142 6.28 -7.85 2.18
N ALA A 143 5.37 -7.58 1.28
CA ALA A 143 4.52 -6.40 1.35
C ALA A 143 3.61 -6.48 2.59
N ARG A 144 3.20 -5.32 3.10
CA ARG A 144 2.24 -5.27 4.18
C ARG A 144 0.88 -5.63 3.63
N SER A 145 0.69 -6.90 3.31
CA SER A 145 -0.45 -7.34 2.52
C SER A 145 -1.63 -7.81 3.42
N HIS A 146 -1.42 -7.94 4.73
CA HIS A 146 -2.43 -8.48 5.62
C HIS A 146 -3.00 -7.44 6.56
N MET A 147 -4.28 -7.52 6.84
CA MET A 147 -4.92 -6.67 7.80
C MET A 147 -5.18 -7.39 9.11
N LEU A 148 -4.96 -6.72 10.25
CA LEU A 148 -5.47 -7.17 11.52
C LEU A 148 -5.97 -5.95 12.32
N LEU A 149 -6.39 -6.18 13.56
CA LEU A 149 -7.00 -5.15 14.38
C LEU A 149 -6.31 -5.01 15.74
N ARG A 150 -6.36 -3.80 16.25
CA ARG A 150 -5.99 -3.53 17.62
C ARG A 150 -7.23 -3.15 18.43
N VAL A 151 -7.36 -3.72 19.63
CA VAL A 151 -8.51 -3.45 20.47
C VAL A 151 -7.97 -3.03 21.84
N GLU A 152 -8.43 -1.88 22.32
CA GLU A 152 -8.06 -1.36 23.65
C GLU A 152 -9.20 -1.66 24.61
N LEU A 153 -8.92 -2.45 25.63
CA LEU A 153 -9.95 -3.01 26.45
C LEU A 153 -9.45 -3.16 27.88
N ASP A 154 -10.16 -2.51 28.81
CA ASP A 154 -9.80 -2.46 30.24
C ASP A 154 -8.34 -2.10 30.47
N GLY A 155 -7.87 -1.09 29.77
CA GLY A 155 -6.52 -0.59 29.95
C GLY A 155 -5.41 -1.41 29.31
N ARG A 156 -5.75 -2.46 28.56
CA ARG A 156 -4.76 -3.31 27.91
C ARG A 156 -4.96 -3.37 26.37
N THR A 157 -3.88 -3.57 25.63
CA THR A 157 -3.97 -3.69 24.18
C THR A 157 -4.08 -5.14 23.78
N TYR A 158 -5.08 -5.44 22.95
CA TYR A 158 -5.25 -6.75 22.34
C TYR A 158 -5.10 -6.64 20.83
N ILE A 159 -4.74 -7.74 20.18
CA ILE A 159 -4.96 -7.81 18.74
C ILE A 159 -6.11 -8.77 18.49
N ALA A 160 -6.76 -8.56 17.35
CA ALA A 160 -7.82 -9.45 16.89
C ALA A 160 -7.66 -9.56 15.39
N ASP A 161 -7.99 -10.73 14.86
CA ASP A 161 -7.77 -11.02 13.49
C ASP A 161 -8.62 -12.22 13.10
N VAL A 162 -9.73 -11.96 12.46
CA VAL A 162 -10.59 -13.07 11.98
C VAL A 162 -10.43 -13.29 10.51
N GLY A 163 -9.30 -12.85 9.92
CA GLY A 163 -9.12 -12.88 8.48
C GLY A 163 -7.85 -13.46 7.91
N PHE A 164 -7.09 -14.20 8.70
CA PHE A 164 -5.79 -14.71 8.21
C PHE A 164 -6.01 -16.05 7.53
N GLY A 165 -5.64 -16.20 6.26
CA GLY A 165 -6.09 -17.40 5.52
C GLY A 165 -5.34 -18.68 5.95
N GLY A 166 -4.05 -18.53 6.24
CA GLY A 166 -3.17 -19.64 6.54
C GLY A 166 -3.52 -20.37 7.83
N LEU A 167 -4.13 -19.65 8.76
CA LEU A 167 -4.49 -20.16 10.07
C LEU A 167 -5.27 -19.09 10.80
N THR A 168 -6.57 -19.24 10.87
CA THR A 168 -7.36 -18.18 11.47
C THR A 168 -7.34 -18.26 12.97
N LEU A 169 -7.05 -17.14 13.59
CA LEU A 169 -7.12 -17.00 15.01
C LEU A 169 -8.58 -17.00 15.52
N THR A 170 -8.84 -17.68 16.63
CA THR A 170 -10.19 -17.83 17.16
C THR A 170 -10.39 -17.22 18.55
N ALA A 171 -9.41 -16.42 19.00
CA ALA A 171 -9.54 -15.61 20.20
C ALA A 171 -8.68 -14.37 20.04
N PRO A 172 -9.07 -13.26 20.68
CA PRO A 172 -8.20 -12.08 20.76
C PRO A 172 -6.98 -12.40 21.61
N LEU A 173 -5.87 -11.73 21.37
CA LEU A 173 -4.63 -11.98 22.10
C LEU A 173 -4.12 -10.70 22.73
N LEU A 174 -3.67 -10.81 23.97
CA LEU A 174 -3.01 -9.69 24.61
C LEU A 174 -1.73 -9.39 23.88
N LEU A 175 -1.44 -8.11 23.62
CA LEU A 175 -0.20 -7.74 23.01
C LEU A 175 0.91 -7.77 24.09
N GLU A 176 1.30 -8.97 24.52
CA GLU A 176 2.27 -9.16 25.63
C GLU A 176 3.39 -10.07 25.17
N PRO A 177 4.51 -9.47 24.73
CA PRO A 177 5.54 -10.29 24.10
C PRO A 177 5.99 -11.45 24.96
N GLY A 178 6.17 -12.61 24.34
CA GLY A 178 6.65 -13.81 25.00
C GLY A 178 5.57 -14.71 25.59
N ARG A 179 4.46 -14.13 26.01
CA ARG A 179 3.44 -14.85 26.73
C ARG A 179 2.71 -15.87 25.88
N GLU A 180 2.56 -17.11 26.38
CA GLU A 180 1.88 -18.12 25.62
C GLU A 180 0.41 -18.04 25.95
N GLN A 181 -0.42 -17.96 24.93
CA GLN A 181 -1.84 -17.73 25.12
C GLN A 181 -2.66 -18.82 24.51
N LYS A 182 -3.51 -19.43 25.33
CA LYS A 182 -4.42 -20.45 24.88
C LYS A 182 -5.53 -19.83 24.05
N THR A 183 -5.98 -20.57 23.05
CA THR A 183 -7.17 -20.18 22.31
C THR A 183 -8.06 -21.42 22.22
N PRO A 184 -9.25 -21.28 21.63
CA PRO A 184 -10.06 -22.46 21.38
C PRO A 184 -9.42 -23.49 20.43
N HIS A 185 -8.40 -23.08 19.67
CA HIS A 185 -7.62 -23.99 18.84
C HIS A 185 -6.18 -23.99 19.36
N GLU A 186 -5.20 -23.64 18.52
CA GLU A 186 -3.76 -23.72 18.86
C GLU A 186 -3.39 -22.62 19.85
N PRO A 187 -2.33 -22.82 20.64
CA PRO A 187 -1.76 -21.72 21.38
C PRO A 187 -1.04 -20.75 20.41
N PHE A 188 -1.03 -19.48 20.80
CA PHE A 188 -0.39 -18.42 20.02
C PHE A 188 0.48 -17.64 20.97
N ARG A 189 1.45 -16.94 20.44
CA ARG A 189 2.17 -15.96 21.21
C ARG A 189 2.61 -14.83 20.28
N ILE A 190 2.81 -13.67 20.88
CA ILE A 190 3.42 -12.54 20.19
C ILE A 190 4.82 -12.38 20.75
N VAL A 191 5.76 -12.17 19.84
CA VAL A 191 7.13 -11.94 20.21
C VAL A 191 7.58 -10.61 19.65
N GLU A 192 8.56 -10.00 20.31
CA GLU A 192 9.23 -8.83 19.76
C GLU A 192 10.36 -9.22 18.84
N ALA A 193 10.52 -8.46 17.77
CA ALA A 193 11.64 -8.59 16.88
C ALA A 193 11.97 -7.19 16.44
N ASP A 194 13.19 -6.73 16.71
CA ASP A 194 13.58 -5.35 16.42
C ASP A 194 12.56 -4.43 17.04
N ASP A 195 12.07 -3.45 16.27
CA ASP A 195 11.05 -2.54 16.77
C ASP A 195 9.64 -2.94 16.32
N HIS A 196 9.44 -4.23 16.01
CA HIS A 196 8.10 -4.74 15.60
C HIS A 196 7.78 -6.05 16.31
N PHE A 197 6.63 -6.63 15.98
CA PHE A 197 6.12 -7.83 16.61
C PHE A 197 5.92 -8.92 15.57
N ARG A 198 5.94 -10.17 16.02
CA ARG A 198 5.50 -11.27 15.19
C ARG A 198 4.44 -12.00 15.95
N LEU A 199 3.39 -12.42 15.22
CA LEU A 199 2.46 -13.38 15.73
C LEU A 199 2.89 -14.78 15.32
N GLN A 200 2.89 -15.68 16.30
CA GLN A 200 3.31 -17.05 16.10
C GLN A 200 2.28 -18.00 16.68
N ALA A 201 2.22 -19.18 16.08
CA ALA A 201 1.37 -20.26 16.56
C ALA A 201 2.22 -21.50 16.83
N ALA A 202 1.78 -22.27 17.81
CA ALA A 202 2.45 -23.52 18.16
C ALA A 202 1.88 -24.60 17.25
N ILE A 203 2.68 -25.04 16.31
CA ILE A 203 2.29 -26.03 15.31
C ILE A 203 3.37 -27.10 15.19
N GLY A 204 3.00 -28.36 15.39
CA GLY A 204 3.97 -29.45 15.25
C GLY A 204 5.14 -29.34 16.20
N GLY A 205 4.90 -28.80 17.38
CA GLY A 205 5.90 -28.61 18.39
C GLY A 205 6.84 -27.45 18.15
N ASP A 206 6.61 -26.64 17.11
CA ASP A 206 7.44 -25.46 16.80
C ASP A 206 6.61 -24.17 16.96
N TRP A 207 7.25 -23.07 17.35
CA TRP A 207 6.62 -21.75 17.22
C TRP A 207 6.85 -21.24 15.80
N ARG A 208 5.78 -21.09 15.01
CA ARG A 208 5.87 -20.72 13.63
C ARG A 208 5.27 -19.33 13.42
N SER A 209 6.02 -18.49 12.72
CA SER A 209 5.60 -17.10 12.53
C SER A 209 4.51 -17.01 11.46
N LEU A 210 3.45 -16.29 11.75
CA LEU A 210 2.35 -16.07 10.79
C LEU A 210 2.65 -14.77 10.00
N TYR A 211 2.94 -13.74 10.78
CA TYR A 211 3.22 -12.45 10.22
C TYR A 211 3.88 -11.51 11.20
N ARG A 212 4.40 -10.39 10.65
CA ARG A 212 5.08 -9.40 11.44
C ARG A 212 4.38 -8.08 11.24
N PHE A 213 4.35 -7.29 12.31
CA PHE A 213 3.63 -6.02 12.27
C PHE A 213 4.15 -5.01 13.25
N ASP A 214 3.86 -3.73 12.96
CA ASP A 214 4.01 -2.69 13.98
C ASP A 214 2.64 -2.08 14.29
N LEU A 215 2.59 -1.08 15.15
CA LEU A 215 1.32 -0.46 15.56
C LEU A 215 0.91 0.77 14.79
N GLN A 216 1.44 0.95 13.60
CA GLN A 216 1.00 2.07 12.80
C GLN A 216 -0.47 1.90 12.46
N PRO A 217 -1.30 2.93 12.72
CA PRO A 217 -2.73 2.85 12.37
C PRO A 217 -2.97 2.87 10.87
N GLN A 218 -3.97 2.12 10.45
CA GLN A 218 -4.36 2.02 9.05
C GLN A 218 -5.82 2.42 8.91
N TYR A 219 -6.16 2.96 7.76
CA TYR A 219 -7.55 3.32 7.47
C TYR A 219 -8.03 2.58 6.26
N GLU A 220 -9.35 2.58 6.05
CA GLU A 220 -9.90 1.93 4.88
C GLU A 220 -9.18 2.33 3.62
N VAL A 221 -8.85 3.61 3.43
CA VAL A 221 -8.13 4.00 2.20
C VAL A 221 -6.80 3.25 2.03
N ASP A 222 -6.16 2.95 3.12
CA ASP A 222 -4.86 2.25 3.05
C ASP A 222 -5.09 0.83 2.58
N TYR A 223 -6.15 0.22 3.11
CA TYR A 223 -6.45 -1.14 2.71
C TYR A 223 -6.87 -1.22 1.23
N SER A 224 -7.49 -0.15 0.72
CA SER A 224 -7.95 -0.14 -0.66
C SER A 224 -6.81 -0.25 -1.63
N VAL A 225 -5.65 0.34 -1.31
CA VAL A 225 -4.49 0.23 -2.15
C VAL A 225 -3.95 -1.21 -2.19
N THR A 226 -3.77 -1.80 -1.02
CA THR A 226 -3.28 -3.16 -0.92
C THR A 226 -4.25 -4.16 -1.56
N ASN A 227 -5.53 -3.93 -1.31
CA ASN A 227 -6.59 -4.77 -1.88
C ASN A 227 -6.54 -4.72 -3.40
N TYR A 228 -6.32 -3.52 -3.96
CA TYR A 228 -6.18 -3.40 -5.41
C TYR A 228 -5.05 -4.27 -5.92
N PHE A 229 -3.90 -4.19 -5.24
CA PHE A 229 -2.74 -4.98 -5.62
C PHE A 229 -3.04 -6.48 -5.53
N LEU A 230 -3.50 -6.93 -4.38
CA LEU A 230 -3.70 -8.39 -4.18
C LEU A 230 -4.80 -8.99 -5.07
N SER A 231 -5.82 -8.19 -5.34
CA SER A 231 -6.98 -8.66 -6.11
C SER A 231 -6.77 -8.53 -7.59
N THR A 232 -5.79 -7.75 -8.03
CA THR A 232 -5.64 -7.49 -9.47
C THR A 232 -4.25 -7.65 -10.07
N SER A 233 -3.19 -7.57 -9.27
CA SER A 233 -1.86 -7.65 -9.85
C SER A 233 -1.61 -9.03 -10.48
N PRO A 234 -1.01 -9.07 -11.69
CA PRO A 234 -0.61 -10.35 -12.29
C PRO A 234 0.38 -11.12 -11.41
N THR A 235 1.11 -10.42 -10.56
CA THR A 235 2.00 -11.07 -9.59
C THR A 235 1.29 -11.69 -8.39
N SER A 236 0.01 -11.39 -8.19
CA SER A 236 -0.73 -11.89 -7.01
C SER A 236 -1.30 -13.30 -7.18
N HIS A 237 -0.89 -14.22 -6.32
CA HIS A 237 -1.43 -15.58 -6.35
C HIS A 237 -2.92 -15.69 -6.03
N PHE A 238 -3.51 -14.64 -5.45
CA PHE A 238 -4.95 -14.65 -5.22
C PHE A 238 -5.76 -14.67 -6.52
N LEU A 239 -5.13 -14.40 -7.66
CA LEU A 239 -5.80 -14.45 -8.97
C LEU A 239 -5.78 -15.85 -9.60
N SER A 240 -4.76 -16.63 -9.24
CA SER A 240 -4.44 -17.85 -9.97
C SER A 240 -4.75 -19.14 -9.22
N SER A 241 -4.98 -19.07 -7.91
CA SER A 241 -5.27 -20.27 -7.17
C SER A 241 -6.62 -20.17 -6.48
N VAL A 242 -7.15 -21.32 -6.09
CA VAL A 242 -8.34 -21.39 -5.26
C VAL A 242 -7.81 -21.66 -3.87
N ILE A 243 -8.15 -20.74 -2.94
CA ILE A 243 -7.76 -20.83 -1.53
C ILE A 243 -8.99 -20.60 -0.66
N ALA A 244 -9.23 -21.51 0.27
CA ALA A 244 -10.40 -21.42 1.13
C ALA A 244 -10.14 -22.01 2.50
N ALA A 245 -10.85 -21.52 3.50
CA ALA A 245 -10.76 -22.05 4.87
C ALA A 245 -12.02 -21.74 5.65
N ARG A 246 -12.31 -22.60 6.60
CA ARG A 246 -13.36 -22.37 7.56
C ARG A 246 -13.05 -23.10 8.85
N ALA A 247 -13.18 -22.38 9.97
CA ALA A 247 -12.99 -22.96 11.29
C ALA A 247 -14.26 -23.70 11.72
N ALA A 248 -14.11 -24.73 12.55
CA ALA A 248 -15.24 -25.40 13.17
C ALA A 248 -14.84 -25.67 14.62
N PRO A 249 -15.78 -26.14 15.46
CA PRO A 249 -15.43 -26.17 16.89
C PRO A 249 -14.22 -27.05 17.22
N ASP A 250 -14.13 -28.19 16.55
CA ASP A 250 -13.11 -29.17 16.87
C ASP A 250 -12.11 -29.37 15.71
N ARG A 251 -12.18 -28.50 14.70
CA ARG A 251 -11.34 -28.69 13.50
C ARG A 251 -11.24 -27.43 12.64
N ARG A 252 -10.36 -27.50 11.64
CA ARG A 252 -10.22 -26.46 10.63
C ARG A 252 -10.20 -27.14 9.27
N TYR A 253 -10.94 -26.58 8.31
CA TYR A 253 -10.86 -27.02 6.94
C TYR A 253 -10.03 -26.00 6.17
N ALA A 254 -9.09 -26.50 5.37
CA ALA A 254 -8.24 -25.65 4.56
C ALA A 254 -8.12 -26.29 3.20
N LEU A 255 -8.27 -25.48 2.17
CA LEU A 255 -8.20 -25.94 0.83
C LEU A 255 -7.27 -25.05 0.02
N ARG A 256 -6.37 -25.68 -0.72
CA ARG A 256 -5.48 -24.96 -1.59
C ARG A 256 -5.39 -25.75 -2.88
N GLY A 257 -5.84 -25.15 -3.99
CA GLY A 257 -5.95 -25.85 -5.28
C GLY A 257 -6.81 -27.09 -5.12
N ASN A 258 -6.25 -28.26 -5.43
CA ASN A 258 -6.99 -29.52 -5.33
C ASN A 258 -6.63 -30.31 -4.09
N ARG A 259 -6.13 -29.65 -3.05
CA ARG A 259 -5.72 -30.29 -1.82
C ARG A 259 -6.60 -29.83 -0.70
N LEU A 260 -7.39 -30.74 -0.16
CA LEU A 260 -8.18 -30.46 1.02
C LEU A 260 -7.46 -30.99 2.27
N SER A 261 -7.31 -30.15 3.28
CA SER A 261 -6.80 -30.56 4.59
C SER A 261 -7.84 -30.35 5.67
N ILE A 262 -8.08 -31.37 6.48
CA ILE A 262 -8.95 -31.22 7.64
C ILE A 262 -8.08 -31.44 8.86
N HIS A 263 -7.89 -30.38 9.63
CA HIS A 263 -7.02 -30.40 10.79
C HIS A 263 -7.89 -30.60 12.00
N HIS A 264 -7.78 -31.76 12.66
CA HIS A 264 -8.55 -31.98 13.90
C HIS A 264 -7.79 -31.44 15.07
N LEU A 265 -8.50 -30.77 15.96
CA LEU A 265 -7.91 -30.14 17.12
C LEU A 265 -7.19 -31.21 17.94
N GLY A 266 -5.90 -31.00 18.19
CA GLY A 266 -5.07 -31.96 18.92
C GLY A 266 -5.13 -33.35 18.34
N GLY A 267 -5.14 -33.45 17.01
CA GLY A 267 -5.33 -34.72 16.33
C GLY A 267 -4.66 -34.73 14.96
N ARG A 268 -5.07 -35.69 14.13
CA ARG A 268 -4.45 -35.86 12.83
C ARG A 268 -5.01 -34.80 11.87
N THR A 269 -4.28 -34.60 10.77
CA THR A 269 -4.74 -33.83 9.65
C THR A 269 -5.02 -34.77 8.48
N GLU A 270 -6.29 -34.89 8.07
CA GLU A 270 -6.64 -35.65 6.86
C GLU A 270 -6.31 -34.83 5.62
N GLN A 271 -5.63 -35.44 4.67
CA GLN A 271 -5.25 -34.84 3.40
C GLN A 271 -5.94 -35.58 2.30
N THR A 272 -6.62 -34.87 1.41
CA THR A 272 -7.20 -35.52 0.24
C THR A 272 -6.99 -34.69 -1.00
N GLU A 273 -6.84 -35.38 -2.13
CA GLU A 273 -6.67 -34.72 -3.40
C GLU A 273 -7.99 -34.72 -4.13
N ILE A 274 -8.37 -33.57 -4.66
CA ILE A 274 -9.67 -33.39 -5.31
C ILE A 274 -9.47 -33.60 -6.81
N ALA A 275 -10.27 -34.48 -7.41
CA ALA A 275 -9.96 -35.04 -8.73
C ALA A 275 -10.43 -34.18 -9.90
N THR A 276 -11.57 -33.51 -9.74
CA THR A 276 -12.17 -32.75 -10.85
C THR A 276 -12.62 -31.34 -10.41
N ALA A 277 -12.77 -30.46 -11.39
CA ALA A 277 -13.28 -29.10 -11.15
C ALA A 277 -14.66 -29.17 -10.51
N ALA A 278 -15.49 -30.14 -10.94
CA ALA A 278 -16.80 -30.32 -10.37
C ALA A 278 -16.73 -30.75 -8.91
N ASP A 279 -15.79 -31.64 -8.60
CA ASP A 279 -15.62 -32.09 -7.22
C ASP A 279 -15.11 -30.93 -6.35
N LEU A 280 -14.23 -30.12 -6.90
CA LEU A 280 -13.69 -28.96 -6.17
C LEU A 280 -14.84 -28.00 -5.81
N ALA A 281 -15.66 -27.66 -6.80
CA ALA A 281 -16.85 -26.82 -6.57
C ALA A 281 -17.75 -27.44 -5.51
N ASP A 282 -17.98 -28.76 -5.60
CA ASP A 282 -18.83 -29.45 -4.62
C ASP A 282 -18.27 -29.40 -3.23
N THR A 283 -16.95 -29.56 -3.12
CA THR A 283 -16.29 -29.45 -1.80
C THR A 283 -16.39 -28.05 -1.19
N LEU A 284 -16.19 -27.06 -2.05
CA LEU A 284 -16.30 -25.67 -1.65
C LEU A 284 -17.70 -25.40 -1.12
N GLN A 285 -18.69 -25.77 -1.93
CA GLN A 285 -20.08 -25.42 -1.62
C GLN A 285 -20.70 -26.25 -0.55
N GLY A 286 -20.30 -27.50 -0.41
CA GLY A 286 -20.88 -28.37 0.58
C GLY A 286 -20.12 -28.24 1.87
N LEU A 287 -19.03 -28.97 1.94
CA LEU A 287 -18.21 -29.04 3.12
C LEU A 287 -17.84 -27.68 3.70
N LEU A 288 -17.37 -26.78 2.86
CA LEU A 288 -16.84 -25.51 3.30
C LEU A 288 -17.87 -24.34 3.37
N GLY A 289 -19.08 -24.54 2.83
CA GLY A 289 -20.15 -23.53 2.90
C GLY A 289 -19.88 -22.25 2.09
N ILE A 290 -19.15 -22.39 1.01
CA ILE A 290 -18.82 -21.31 0.15
C ILE A 290 -19.82 -21.23 -1.01
N ILE A 291 -20.27 -20.02 -1.32
CA ILE A 291 -21.17 -19.80 -2.47
C ILE A 291 -20.37 -19.37 -3.69
N ILE A 292 -20.56 -20.06 -4.82
CA ILE A 292 -19.84 -19.73 -6.05
C ILE A 292 -20.89 -19.13 -6.97
N PRO A 293 -20.83 -17.82 -7.23
CA PRO A 293 -21.87 -17.17 -8.03
C PRO A 293 -22.03 -17.69 -9.44
N ASP A 294 -20.92 -17.94 -10.12
CA ASP A 294 -20.94 -18.41 -11.49
C ASP A 294 -20.11 -19.67 -11.54
N ARG A 295 -20.74 -20.80 -11.26
CA ARG A 295 -20.03 -22.07 -11.16
CA ARG A 295 -20.04 -22.06 -11.16
C ARG A 295 -19.40 -22.46 -12.49
N THR A 296 -20.06 -22.11 -13.61
CA THR A 296 -19.56 -22.47 -14.92
C THR A 296 -18.23 -21.80 -15.17
N ALA A 297 -18.16 -20.51 -14.91
CA ALA A 297 -16.93 -19.78 -15.10
C ALA A 297 -15.88 -20.29 -14.10
N PHE A 298 -16.30 -20.59 -12.87
CA PHE A 298 -15.39 -21.15 -11.87
C PHE A 298 -14.74 -22.43 -12.37
N GLU A 299 -15.56 -23.43 -12.68
CA GLU A 299 -15.05 -24.73 -13.15
C GLU A 299 -14.21 -24.55 -14.40
N ALA A 300 -14.66 -23.69 -15.31
CA ALA A 300 -13.92 -23.43 -16.55
C ALA A 300 -12.50 -22.94 -16.28
N LYS A 301 -12.38 -21.98 -15.35
CA LYS A 301 -11.08 -21.49 -14.95
C LYS A 301 -10.23 -22.55 -14.24
N VAL A 302 -10.87 -23.37 -13.41
CA VAL A 302 -10.14 -24.42 -12.73
C VAL A 302 -9.52 -25.40 -13.76
N ARG A 303 -10.28 -25.70 -14.82
CA ARG A 303 -9.81 -26.62 -15.87
C ARG A 303 -8.71 -25.96 -16.72
N GLU A 304 -8.96 -24.72 -17.15
CA GLU A 304 -8.01 -23.93 -17.94
C GLU A 304 -6.65 -23.83 -17.26
N THR A 305 -6.66 -23.55 -15.96
CA THR A 305 -5.42 -23.29 -15.23
C THR A 305 -4.78 -24.54 -14.64
N LYS A 306 -5.38 -25.71 -14.86
CA LYS A 306 -4.81 -26.98 -14.42
C LYS A 306 -4.72 -27.14 -12.90
N ILE A 307 -5.57 -26.45 -12.15
CA ILE A 307 -5.60 -26.60 -10.70
C ILE A 307 -5.83 -28.07 -10.30
N VAL A 308 -6.64 -28.78 -11.07
CA VAL A 308 -6.89 -30.21 -10.88
C VAL A 308 -6.37 -30.96 -12.14
N GLU A 309 -6.51 -32.30 -12.14
CA GLU A 309 -6.27 -33.13 -13.34
C GLU A 309 -7.52 -33.24 -14.21
N PRO B 39 24.16 -6.28 -11.33
CA PRO B 39 25.11 -5.18 -11.48
C PRO B 39 24.75 -3.96 -10.61
N PRO B 40 25.74 -3.15 -10.26
CA PRO B 40 25.45 -2.21 -9.20
C PRO B 40 24.98 -0.86 -9.75
N PHE B 41 24.72 0.08 -8.86
CA PHE B 41 24.29 1.41 -9.27
C PHE B 41 25.43 2.14 -9.94
N ASP B 42 25.19 2.75 -11.09
CA ASP B 42 26.24 3.53 -11.75
C ASP B 42 26.24 4.99 -11.26
N LEU B 43 27.04 5.27 -10.24
CA LEU B 43 27.06 6.60 -9.64
C LEU B 43 27.61 7.63 -10.61
N ASP B 44 28.66 7.30 -11.37
CA ASP B 44 29.23 8.27 -12.32
C ASP B 44 28.18 8.74 -13.29
N ALA B 45 27.43 7.78 -13.84
CA ALA B 45 26.41 8.08 -14.84
C ALA B 45 25.27 8.94 -14.26
N TYR B 46 24.85 8.65 -13.01
CA TYR B 46 23.80 9.42 -12.32
C TYR B 46 24.27 10.88 -12.11
N LEU B 47 25.51 11.05 -11.63
CA LEU B 47 26.02 12.39 -11.36
C LEU B 47 26.18 13.17 -12.65
N ALA B 48 26.52 12.47 -13.73
CA ALA B 48 26.56 13.09 -15.05
C ALA B 48 25.17 13.57 -15.47
N ARG B 49 24.17 12.72 -15.27
CA ARG B 49 22.79 13.03 -15.60
C ARG B 49 22.29 14.29 -14.93
N ILE B 50 22.69 14.51 -13.67
CA ILE B 50 22.27 15.70 -12.93
C ILE B 50 23.29 16.87 -12.99
N GLY B 51 24.40 16.67 -13.69
CA GLY B 51 25.39 17.70 -13.93
C GLY B 51 26.21 18.03 -12.69
N TYR B 52 26.39 17.05 -11.79
CA TYR B 52 27.10 17.28 -10.54
C TYR B 52 28.55 16.91 -10.72
N THR B 53 29.44 17.89 -10.54
CA THR B 53 30.87 17.67 -10.68
C THR B 53 31.59 17.99 -9.36
N GLY B 54 30.86 18.05 -8.24
CA GLY B 54 31.46 18.36 -6.97
C GLY B 54 32.08 17.16 -6.28
N PRO B 55 32.57 17.37 -5.06
CA PRO B 55 33.15 16.31 -4.23
C PRO B 55 32.19 15.14 -3.99
N ARG B 56 32.72 13.93 -3.93
CA ARG B 56 31.91 12.76 -3.67
C ARG B 56 32.16 12.23 -2.27
N ASN B 57 31.29 12.64 -1.37
CA ASN B 57 31.40 12.24 -0.02
C ASN B 57 30.01 12.37 0.61
N ALA B 58 29.89 12.03 1.89
CA ALA B 58 28.59 11.97 2.56
C ALA B 58 28.35 13.17 3.48
N SER B 59 28.68 14.35 2.98
CA SER B 59 28.59 15.58 3.77
C SER B 59 27.26 16.28 3.54
N LEU B 60 26.89 17.13 4.49
CA LEU B 60 25.76 18.02 4.35
C LEU B 60 25.91 18.91 3.11
N ASP B 61 27.12 19.42 2.84
CA ASP B 61 27.34 20.20 1.62
C ASP B 61 26.93 19.41 0.35
N THR B 62 27.35 18.16 0.29
CA THR B 62 27.07 17.34 -0.88
C THR B 62 25.54 17.06 -0.97
N LEU B 63 24.94 16.77 0.16
CA LEU B 63 23.49 16.50 0.20
C LEU B 63 22.74 17.71 -0.32
N LYS B 64 23.13 18.89 0.15
CA LYS B 64 22.50 20.10 -0.35
C LYS B 64 22.68 20.30 -1.84
N ALA B 65 23.90 20.05 -2.34
CA ALA B 65 24.20 20.26 -3.74
C ALA B 65 23.38 19.30 -4.62
N LEU B 66 23.29 18.06 -4.18
CA LEU B 66 22.57 17.06 -4.94
C LEU B 66 21.09 17.34 -4.89
N HIS B 67 20.60 17.82 -3.74
CA HIS B 67 19.17 18.06 -3.54
C HIS B 67 18.69 19.23 -4.42
N PHE B 68 19.63 20.14 -4.71
CA PHE B 68 19.37 21.26 -5.61
C PHE B 68 19.46 20.81 -7.07
N ALA B 69 20.49 20.04 -7.42
CA ALA B 69 20.80 19.74 -8.80
C ALA B 69 19.78 18.73 -9.40
N HIS B 70 19.43 17.73 -8.61
CA HIS B 70 18.61 16.62 -9.16
C HIS B 70 17.27 17.11 -9.79
N PRO B 71 16.48 17.86 -9.03
CA PRO B 71 15.20 18.31 -9.60
C PRO B 71 15.24 19.40 -10.64
N GLN B 72 16.40 19.99 -10.86
CA GLN B 72 16.61 20.81 -12.04
C GLN B 72 16.88 19.96 -13.29
N ALA B 73 17.60 18.86 -13.13
CA ALA B 73 18.06 18.10 -14.24
C ALA B 73 17.05 17.05 -14.69
N ILE B 74 16.36 16.48 -13.71
CA ILE B 74 15.43 15.35 -13.97
C ILE B 74 14.02 15.84 -13.70
N PRO B 75 13.19 15.94 -14.78
CA PRO B 75 11.84 16.46 -14.53
C PRO B 75 10.92 15.49 -13.82
N TRP B 76 9.90 16.05 -13.18
CA TRP B 76 8.78 15.28 -12.69
C TRP B 76 7.78 15.14 -13.84
N GLU B 77 7.41 13.92 -14.15
CA GLU B 77 6.41 13.73 -15.20
C GLU B 77 5.73 12.36 -15.01
N ASN B 78 4.54 12.24 -15.60
CA ASN B 78 3.76 11.00 -15.58
C ASN B 78 3.48 10.48 -17.02
N ILE B 79 4.46 10.62 -17.90
CA ILE B 79 4.29 10.25 -19.32
C ILE B 79 3.95 8.75 -19.42
N ASP B 80 4.73 7.89 -18.76
CA ASP B 80 4.46 6.45 -18.86
C ASP B 80 3.09 6.03 -18.33
N PRO B 81 2.68 6.46 -17.11
CA PRO B 81 1.35 6.14 -16.64
C PRO B 81 0.24 6.67 -17.58
N PHE B 82 0.43 7.88 -18.08
CA PHE B 82 -0.55 8.48 -19.03
C PHE B 82 -0.64 7.62 -20.32
N LEU B 83 0.47 7.12 -20.82
CA LEU B 83 0.48 6.32 -22.04
C LEU B 83 0.16 4.86 -21.76
N GLY B 84 -0.05 4.50 -20.50
CA GLY B 84 -0.32 3.10 -20.13
C GLY B 84 0.90 2.21 -20.21
N ARG B 85 2.10 2.77 -20.05
CA ARG B 85 3.30 1.96 -20.04
C ARG B 85 3.74 1.71 -18.57
N PRO B 86 4.25 0.51 -18.27
CA PRO B 86 4.51 0.17 -16.88
C PRO B 86 5.62 1.01 -16.36
N VAL B 87 5.56 1.34 -15.08
CA VAL B 87 6.65 2.07 -14.45
C VAL B 87 7.39 1.05 -13.57
N ARG B 88 8.65 0.84 -13.87
CA ARG B 88 9.46 -0.15 -13.18
C ARG B 88 10.32 0.54 -12.14
N LEU B 89 10.35 -0.04 -10.95
CA LEU B 89 11.10 0.55 -9.82
C LEU B 89 12.38 -0.20 -9.49
N ASP B 90 12.62 -1.33 -10.14
CA ASP B 90 13.88 -2.06 -9.96
C ASP B 90 15.00 -1.25 -10.50
N LEU B 91 16.14 -1.35 -9.83
CA LEU B 91 17.26 -0.48 -10.12
C LEU B 91 17.68 -0.50 -11.58
N ALA B 92 17.73 -1.71 -12.20
CA ALA B 92 18.18 -1.79 -13.56
C ALA B 92 17.30 -0.99 -14.55
N ALA B 93 16.00 -1.17 -14.45
CA ALA B 93 15.06 -0.47 -15.36
C ALA B 93 15.05 1.03 -15.05
N LEU B 94 15.14 1.37 -13.77
CA LEU B 94 15.07 2.76 -13.33
C LEU B 94 16.23 3.59 -13.88
N GLN B 95 17.47 3.10 -13.73
CA GLN B 95 18.64 3.70 -14.37
C GLN B 95 18.57 3.82 -15.87
N ASP B 96 18.11 2.75 -16.52
CA ASP B 96 18.01 2.81 -17.97
C ASP B 96 17.04 3.91 -18.42
N LYS B 97 15.93 4.04 -17.74
CA LYS B 97 14.93 4.98 -18.16
C LYS B 97 15.40 6.44 -17.92
N ILE B 98 15.81 6.71 -16.69
CA ILE B 98 16.08 8.11 -16.28
C ILE B 98 17.50 8.49 -16.60
N VAL B 99 18.45 7.65 -16.21
CA VAL B 99 19.87 8.03 -16.30
C VAL B 99 20.37 7.83 -17.72
N LEU B 100 20.32 6.61 -18.24
CA LEU B 100 20.77 6.39 -19.62
C LEU B 100 19.81 7.01 -20.64
N GLY B 101 18.51 6.82 -20.43
CA GLY B 101 17.51 7.25 -21.39
C GLY B 101 17.21 8.73 -21.34
N GLY B 102 17.66 9.43 -20.29
CA GLY B 102 17.40 10.87 -20.19
C GLY B 102 15.97 11.31 -19.94
N ARG B 103 15.15 10.42 -19.43
CA ARG B 103 13.77 10.73 -19.14
C ARG B 103 13.61 11.16 -17.67
N GLY B 104 12.38 11.41 -17.25
CA GLY B 104 12.07 11.74 -15.86
C GLY B 104 11.13 10.71 -15.31
N GLY B 105 10.35 11.10 -14.33
CA GLY B 105 9.40 10.21 -13.67
C GLY B 105 8.68 10.85 -12.54
N TYR B 106 7.94 10.04 -11.78
CA TYR B 106 7.26 10.52 -10.62
C TYR B 106 7.93 10.08 -9.29
N CYS B 107 7.23 10.19 -8.19
CA CYS B 107 7.91 10.28 -6.84
C CYS B 107 8.79 9.09 -6.53
N PHE B 108 8.32 7.86 -6.80
CA PHE B 108 9.13 6.66 -6.47
C PHE B 108 10.38 6.58 -7.32
N GLU B 109 10.25 6.98 -8.60
CA GLU B 109 11.34 6.95 -9.50
C GLU B 109 12.45 7.94 -9.05
N HIS B 110 12.04 9.16 -8.80
CA HIS B 110 12.97 10.18 -8.29
C HIS B 110 13.63 9.73 -6.99
N ASN B 111 12.83 9.35 -6.01
CA ASN B 111 13.43 9.17 -4.66
C ASN B 111 14.13 7.86 -4.51
N LEU B 112 13.74 6.83 -5.29
CA LEU B 112 14.55 5.61 -5.28
C LEU B 112 15.88 5.86 -5.90
N LEU B 113 15.91 6.60 -7.01
CA LEU B 113 17.16 6.90 -7.65
C LEU B 113 18.04 7.74 -6.74
N PHE B 114 17.42 8.72 -6.14
CA PHE B 114 18.16 9.60 -5.23
C PHE B 114 18.72 8.80 -4.06
N MET B 115 17.94 7.88 -3.50
CA MET B 115 18.38 7.05 -2.41
C MET B 115 19.57 6.18 -2.81
N HIS B 116 19.52 5.59 -4.01
CA HIS B 116 20.62 4.74 -4.50
C HIS B 116 21.89 5.57 -4.60
N ALA B 117 21.75 6.80 -5.10
CA ALA B 117 22.88 7.68 -5.23
C ALA B 117 23.46 8.07 -3.85
N LEU B 118 22.61 8.47 -2.91
CA LEU B 118 23.04 8.84 -1.55
C LEU B 118 23.69 7.65 -0.85
N LYS B 119 23.11 6.47 -0.98
CA LYS B 119 23.77 5.26 -0.45
C LYS B 119 25.14 5.05 -1.09
N ALA B 120 25.27 5.22 -2.39
CA ALA B 120 26.52 5.05 -3.10
C ALA B 120 27.60 6.03 -2.59
N LEU B 121 27.16 7.19 -2.16
CA LEU B 121 28.05 8.22 -1.64
C LEU B 121 28.42 8.01 -0.19
N GLY B 122 27.76 7.07 0.48
CA GLY B 122 28.06 6.76 1.86
C GLY B 122 27.10 7.33 2.87
N PHE B 123 25.99 7.94 2.43
CA PHE B 123 25.00 8.41 3.39
C PHE B 123 24.20 7.27 4.03
N GLU B 124 23.70 7.53 5.23
CA GLU B 124 22.75 6.69 5.93
C GLU B 124 21.33 7.14 5.60
N VAL B 125 20.63 6.34 4.81
CA VAL B 125 19.36 6.80 4.21
C VAL B 125 18.32 5.69 4.32
N GLY B 126 17.08 6.10 4.59
CA GLY B 126 15.98 5.16 4.64
C GLY B 126 14.77 5.75 3.93
N GLY B 127 13.87 4.87 3.50
CA GLY B 127 12.63 5.32 2.83
C GLY B 127 11.52 5.60 3.79
N LEU B 128 10.70 6.61 3.45
CA LEU B 128 9.47 6.95 4.21
C LEU B 128 8.30 7.02 3.20
N ALA B 129 7.10 7.12 3.71
CA ALA B 129 5.89 7.34 2.87
C ALA B 129 5.06 8.43 3.48
N ALA B 130 4.22 9.01 2.65
CA ALA B 130 3.42 10.16 3.09
C ALA B 130 2.07 10.17 2.42
N ARG B 131 1.10 10.80 3.09
CA ARG B 131 -0.22 11.06 2.50
C ARG B 131 -0.25 12.47 1.96
N VAL B 132 -0.64 12.62 0.72
CA VAL B 132 -0.57 13.91 0.07
C VAL B 132 -1.74 14.79 0.54
N LEU B 133 -1.42 16.05 0.85
CA LEU B 133 -2.41 17.04 1.31
C LEU B 133 -2.59 18.17 0.31
N TRP B 134 -1.52 18.50 -0.42
CA TRP B 134 -1.51 19.55 -1.45
C TRP B 134 -2.69 19.38 -2.40
N GLY B 135 -3.55 20.39 -2.47
CA GLY B 135 -4.90 20.23 -3.04
C GLY B 135 -5.84 19.59 -2.05
N ASP B 139 -11.09 17.83 4.11
CA ASP B 139 -10.65 16.74 3.27
C ASP B 139 -10.46 15.49 4.15
N ALA B 140 -10.72 14.30 3.59
CA ALA B 140 -10.61 13.06 4.36
C ALA B 140 -9.13 12.63 4.43
N ILE B 141 -8.88 11.44 4.93
CA ILE B 141 -7.53 10.85 4.91
C ILE B 141 -7.24 10.34 3.51
N THR B 142 -6.06 10.66 2.95
CA THR B 142 -5.64 10.18 1.63
C THR B 142 -4.66 9.02 1.80
N ALA B 143 -4.45 8.25 0.75
CA ALA B 143 -3.54 7.10 0.78
C ALA B 143 -2.10 7.59 0.96
N ARG B 144 -1.26 6.73 1.53
CA ARG B 144 0.17 6.99 1.60
C ARG B 144 0.77 6.82 0.23
N SER B 145 0.52 7.75 -0.66
CA SER B 145 0.80 7.57 -2.05
C SER B 145 2.17 8.18 -2.42
N HIS B 146 2.81 8.90 -1.48
CA HIS B 146 4.03 9.61 -1.80
C HIS B 146 5.26 9.01 -1.07
N MET B 147 6.40 9.04 -1.75
CA MET B 147 7.65 8.56 -1.17
C MET B 147 8.52 9.78 -0.81
N LEU B 148 9.16 9.72 0.35
CA LEU B 148 10.28 10.62 0.64
C LEU B 148 11.39 9.84 1.38
N LEU B 149 12.46 10.53 1.75
CA LEU B 149 13.61 9.89 2.40
C LEU B 149 13.92 10.50 3.77
N ARG B 150 14.51 9.69 4.62
CA ARG B 150 15.18 10.20 5.81
C ARG B 150 16.68 9.95 5.68
N VAL B 151 17.47 10.93 6.12
CA VAL B 151 18.89 10.87 6.00
C VAL B 151 19.43 11.24 7.42
N GLU B 152 20.32 10.39 7.94
CA GLU B 152 20.96 10.60 9.25
C GLU B 152 22.37 11.15 9.03
N LEU B 153 22.62 12.34 9.58
CA LEU B 153 23.91 13.04 9.40
C LEU B 153 24.38 13.46 10.80
N ASP B 154 25.51 12.90 11.22
CA ASP B 154 26.10 13.17 12.56
C ASP B 154 25.05 13.09 13.62
N GLY B 155 24.22 12.05 13.58
CA GLY B 155 23.15 11.90 14.56
C GLY B 155 21.94 12.79 14.45
N ARG B 156 21.84 13.66 13.44
CA ARG B 156 20.63 14.48 13.28
C ARG B 156 19.82 13.84 12.13
N THR B 157 18.51 13.92 12.23
CA THR B 157 17.65 13.42 11.15
C THR B 157 17.24 14.54 10.20
N TYR B 158 17.44 14.30 8.91
CA TYR B 158 16.95 15.17 7.85
C TYR B 158 15.92 14.41 7.04
N ILE B 159 14.99 15.15 6.42
CA ILE B 159 14.24 14.56 5.34
C ILE B 159 14.78 15.08 4.03
N ALA B 160 14.63 14.27 2.98
CA ALA B 160 14.99 14.68 1.66
C ALA B 160 13.88 14.16 0.72
N ASP B 161 13.60 14.92 -0.31
CA ASP B 161 12.49 14.58 -1.22
C ASP B 161 12.68 15.34 -2.53
N VAL B 162 13.15 14.63 -3.56
CA VAL B 162 13.33 15.25 -4.87
C VAL B 162 12.24 14.82 -5.85
N GLY B 163 11.14 14.33 -5.32
CA GLY B 163 10.10 13.69 -6.15
C GLY B 163 8.68 14.15 -5.95
N PHE B 164 8.46 15.28 -5.27
CA PHE B 164 7.09 15.72 -5.01
C PHE B 164 6.61 16.55 -6.20
N GLY B 165 5.52 16.15 -6.84
CA GLY B 165 5.12 16.82 -8.10
C GLY B 165 4.60 18.25 -7.91
N GLY B 166 3.86 18.47 -6.83
CA GLY B 166 3.18 19.76 -6.61
C GLY B 166 4.14 20.90 -6.36
N LEU B 167 5.31 20.59 -5.82
CA LEU B 167 6.30 21.59 -5.41
C LEU B 167 7.55 20.81 -4.97
N THR B 168 8.58 20.78 -5.80
CA THR B 168 9.73 19.93 -5.43
C THR B 168 10.65 20.72 -4.47
N LEU B 169 10.97 20.07 -3.36
CA LEU B 169 11.90 20.60 -2.39
C LEU B 169 13.31 20.61 -2.98
N THR B 170 14.07 21.68 -2.75
CA THR B 170 15.41 21.84 -3.34
C THR B 170 16.55 21.87 -2.30
N ALA B 171 16.22 21.55 -1.05
CA ALA B 171 17.22 21.32 0.01
C ALA B 171 16.68 20.31 0.96
N PRO B 172 17.57 19.56 1.63
CA PRO B 172 17.16 18.73 2.75
C PRO B 172 16.67 19.58 3.93
N LEU B 173 15.78 19.05 4.76
CA LEU B 173 15.24 19.75 5.92
C LEU B 173 15.51 19.00 7.17
N LEU B 174 15.94 19.73 8.20
CA LEU B 174 16.05 19.09 9.52
C LEU B 174 14.68 18.69 10.03
N LEU B 175 14.56 17.49 10.57
CA LEU B 175 13.27 17.06 11.13
C LEU B 175 13.11 17.65 12.51
N GLU B 176 12.77 18.92 12.55
CA GLU B 176 12.56 19.60 13.80
C GLU B 176 11.33 20.45 13.66
N PRO B 177 10.26 20.13 14.40
CA PRO B 177 8.95 20.77 14.29
C PRO B 177 8.86 22.28 14.64
N GLY B 178 8.08 23.04 13.86
CA GLY B 178 7.82 24.48 14.07
C GLY B 178 8.81 25.42 13.41
N ARG B 179 10.08 24.99 13.35
CA ARG B 179 11.15 25.89 12.92
C ARG B 179 11.03 26.11 11.41
N GLU B 180 11.25 27.35 11.02
CA GLU B 180 11.15 27.73 9.64
C GLU B 180 12.54 27.54 9.02
N GLN B 181 12.60 26.88 7.88
CA GLN B 181 13.84 26.55 7.21
C GLN B 181 13.93 27.12 5.82
N LYS B 182 15.01 27.86 5.54
CA LYS B 182 15.23 28.42 4.22
C LYS B 182 15.69 27.36 3.27
N THR B 183 15.33 27.51 2.01
CA THR B 183 15.87 26.66 0.93
C THR B 183 16.25 27.57 -0.22
N PRO B 184 16.82 26.99 -1.30
CA PRO B 184 17.07 27.81 -2.50
C PRO B 184 15.81 28.38 -3.17
N HIS B 185 14.66 27.86 -2.86
CA HIS B 185 13.39 28.41 -3.31
C HIS B 185 12.61 28.86 -2.08
N GLU B 186 11.42 28.31 -1.83
CA GLU B 186 10.55 28.74 -0.75
C GLU B 186 11.03 28.28 0.60
N PRO B 187 10.62 28.99 1.67
CA PRO B 187 10.82 28.44 3.01
C PRO B 187 9.83 27.31 3.33
N PHE B 188 10.27 26.38 4.17
CA PHE B 188 9.51 25.21 4.53
C PHE B 188 9.49 25.12 6.01
N ARG B 189 8.52 24.41 6.56
CA ARG B 189 8.58 24.03 7.94
C ARG B 189 7.86 22.70 8.14
N ILE B 190 8.26 21.98 9.17
CA ILE B 190 7.65 20.72 9.55
C ILE B 190 6.89 21.04 10.80
N VAL B 191 5.63 20.62 10.85
CA VAL B 191 4.81 20.80 12.04
C VAL B 191 4.37 19.43 12.58
N GLU B 192 4.35 19.32 13.88
CA GLU B 192 4.19 18.05 14.54
C GLU B 192 2.73 17.96 14.88
N ALA B 193 1.96 17.44 13.93
CA ALA B 193 0.53 17.13 14.12
C ALA B 193 0.48 15.73 14.72
N ASP B 194 0.69 15.64 16.04
CA ASP B 194 0.88 14.35 16.71
C ASP B 194 -0.29 13.43 16.38
N ASP B 195 0.00 12.18 16.00
CA ASP B 195 1.28 11.47 16.20
C ASP B 195 2.21 11.48 14.96
N HIS B 196 2.05 12.45 14.07
CA HIS B 196 2.79 12.48 12.81
C HIS B 196 3.26 13.91 12.51
N PHE B 197 3.84 14.09 11.33
CA PHE B 197 4.38 15.38 10.88
C PHE B 197 3.64 15.86 9.65
N ARG B 198 3.54 17.18 9.44
CA ARG B 198 3.18 17.70 8.13
C ARG B 198 4.32 18.55 7.63
N LEU B 199 4.67 18.39 6.36
CA LEU B 199 5.56 19.29 5.69
C LEU B 199 4.73 20.44 5.05
N GLN B 200 5.15 21.67 5.30
CA GLN B 200 4.47 22.85 4.78
C GLN B 200 5.47 23.78 4.09
N ALA B 201 4.97 24.50 3.09
CA ALA B 201 5.77 25.54 2.40
C ALA B 201 5.07 26.88 2.54
N ALA B 202 5.85 27.94 2.61
CA ALA B 202 5.32 29.31 2.63
C ALA B 202 5.09 29.72 1.20
N ILE B 203 3.83 29.80 0.78
CA ILE B 203 3.45 30.10 -0.59
C ILE B 203 2.34 31.16 -0.62
N GLY B 204 2.57 32.28 -1.31
CA GLY B 204 1.55 33.36 -1.36
C GLY B 204 1.12 33.90 -0.02
N GLY B 205 2.06 33.94 0.92
CA GLY B 205 1.78 34.37 2.25
C GLY B 205 1.03 33.39 3.15
N ASP B 206 0.80 32.15 2.71
CA ASP B 206 0.14 31.13 3.53
C ASP B 206 1.13 29.97 3.81
N TRP B 207 1.02 29.31 4.94
CA TRP B 207 1.71 28.03 5.12
C TRP B 207 0.78 26.97 4.53
N ARG B 208 1.23 26.31 3.48
CA ARG B 208 0.39 25.35 2.78
C ARG B 208 0.98 23.94 2.96
N SER B 209 0.13 23.01 3.36
CA SER B 209 0.60 21.64 3.66
C SER B 209 0.84 20.89 2.39
N LEU B 210 1.98 20.20 2.29
CA LEU B 210 2.30 19.39 1.10
C LEU B 210 1.80 17.94 1.37
N TYR B 211 2.23 17.44 2.52
CA TYR B 211 1.91 16.08 2.92
C TYR B 211 2.12 15.83 4.38
N ARG B 212 1.60 14.70 4.86
CA ARG B 212 1.74 14.29 6.24
C ARG B 212 2.42 12.91 6.26
N PHE B 213 3.26 12.68 7.25
CA PHE B 213 4.05 11.44 7.32
C PHE B 213 4.44 11.08 8.74
N ASP B 214 4.71 9.80 8.97
CA ASP B 214 5.37 9.35 10.18
C ASP B 214 6.73 8.72 9.79
N LEU B 215 7.45 8.18 10.76
CA LEU B 215 8.78 7.61 10.49
C LEU B 215 8.82 6.11 10.28
N GLN B 216 7.68 5.51 9.96
CA GLN B 216 7.68 4.09 9.61
C GLN B 216 8.57 3.84 8.41
N PRO B 217 9.52 2.90 8.51
CA PRO B 217 10.43 2.65 7.39
C PRO B 217 9.70 1.93 6.26
N GLN B 218 10.09 2.27 5.03
CA GLN B 218 9.53 1.65 3.87
C GLN B 218 10.60 0.99 3.06
N TYR B 219 10.25 -0.10 2.41
CA TYR B 219 11.16 -0.80 1.50
C TYR B 219 10.65 -0.83 0.08
N GLU B 220 11.51 -1.16 -0.86
CA GLU B 220 11.15 -1.18 -2.26
C GLU B 220 9.87 -1.99 -2.49
N VAL B 221 9.71 -3.13 -1.80
CA VAL B 221 8.46 -3.89 -1.97
C VAL B 221 7.20 -3.06 -1.61
N ASP B 222 7.32 -2.15 -0.64
CA ASP B 222 6.21 -1.37 -0.20
C ASP B 222 5.87 -0.36 -1.29
N TYR B 223 6.90 0.26 -1.86
CA TYR B 223 6.68 1.20 -2.94
C TYR B 223 6.10 0.53 -4.20
N SER B 224 6.47 -0.72 -4.43
CA SER B 224 5.97 -1.42 -5.60
C SER B 224 4.45 -1.57 -5.53
N VAL B 225 3.88 -1.75 -4.35
CA VAL B 225 2.42 -1.86 -4.20
C VAL B 225 1.73 -0.53 -4.55
N THR B 226 2.24 0.54 -3.98
CA THR B 226 1.68 1.87 -4.24
C THR B 226 1.84 2.27 -5.67
N ASN B 227 3.02 2.00 -6.21
CA ASN B 227 3.32 2.31 -7.57
C ASN B 227 2.38 1.59 -8.55
N TYR B 228 2.14 0.31 -8.27
CA TYR B 228 1.17 -0.42 -9.08
C TYR B 228 -0.21 0.28 -9.06
N PHE B 229 -0.68 0.70 -7.88
CA PHE B 229 -1.95 1.40 -7.70
C PHE B 229 -1.98 2.71 -8.49
N LEU B 230 -1.01 3.58 -8.25
CA LEU B 230 -1.01 4.91 -8.88
C LEU B 230 -0.85 4.87 -10.39
N SER B 231 -0.06 3.93 -10.88
CA SER B 231 0.26 3.82 -12.29
C SER B 231 -0.77 3.02 -13.07
N THR B 232 -1.64 2.25 -12.39
CA THR B 232 -2.58 1.39 -13.13
C THR B 232 -4.04 1.43 -12.72
N SER B 233 -4.36 1.89 -11.52
CA SER B 233 -5.73 1.89 -11.08
C SER B 233 -6.59 2.85 -11.93
N PRO B 234 -7.79 2.42 -12.36
CA PRO B 234 -8.72 3.36 -13.02
C PRO B 234 -9.07 4.56 -12.19
N THR B 235 -8.99 4.44 -10.87
CA THR B 235 -9.25 5.56 -9.98
C THR B 235 -8.10 6.58 -9.92
N SER B 236 -6.93 6.23 -10.45
CA SER B 236 -5.75 7.10 -10.32
C SER B 236 -5.69 8.19 -11.40
N HIS B 237 -5.65 9.44 -10.97
CA HIS B 237 -5.53 10.58 -11.93
C HIS B 237 -4.20 10.62 -12.69
N PHE B 238 -3.20 9.85 -12.26
CA PHE B 238 -1.97 9.77 -13.04
C PHE B 238 -2.15 9.11 -14.40
N LEU B 239 -3.29 8.43 -14.61
CA LEU B 239 -3.57 7.76 -15.88
C LEU B 239 -4.25 8.73 -16.86
N SER B 240 -4.94 9.71 -16.32
CA SER B 240 -5.89 10.51 -17.10
C SER B 240 -5.44 11.94 -17.35
N SER B 241 -4.42 12.43 -16.66
CA SER B 241 -3.97 13.81 -16.88
C SER B 241 -2.50 13.82 -17.24
N VAL B 242 -2.05 14.94 -17.78
CA VAL B 242 -0.67 15.21 -18.07
C VAL B 242 -0.23 16.20 -16.98
N ILE B 243 0.75 15.76 -16.20
CA ILE B 243 1.31 16.53 -15.10
C ILE B 243 2.84 16.54 -15.26
N ALA B 244 3.45 17.72 -15.18
CA ALA B 244 4.90 17.85 -15.36
C ALA B 244 5.43 19.02 -14.52
N ALA B 245 6.69 18.91 -14.09
CA ALA B 245 7.39 19.97 -13.35
C ALA B 245 8.89 19.85 -13.49
N ARG B 246 9.55 20.99 -13.45
CA ARG B 246 10.98 21.04 -13.43
C ARG B 246 11.43 22.31 -12.71
N ALA B 247 12.41 22.17 -11.81
CA ALA B 247 12.97 23.32 -11.10
C ALA B 247 14.08 23.96 -11.94
N ALA B 248 14.33 25.25 -11.71
CA ALA B 248 15.48 25.93 -12.34
C ALA B 248 16.02 26.89 -11.29
N PRO B 249 17.15 27.54 -11.55
CA PRO B 249 17.77 28.26 -10.42
C PRO B 249 16.87 29.38 -9.84
N ASP B 250 16.19 30.09 -10.71
CA ASP B 250 15.44 31.26 -10.32
C ASP B 250 13.92 31.08 -10.54
N ARG B 251 13.50 29.85 -10.85
CA ARG B 251 12.10 29.62 -11.15
C ARG B 251 11.69 28.14 -11.08
N ARG B 252 10.39 27.90 -11.18
CA ARG B 252 9.84 26.53 -11.28
C ARG B 252 8.83 26.49 -12.42
N TYR B 253 8.88 25.43 -13.24
CA TYR B 253 7.88 25.21 -14.28
C TYR B 253 6.94 24.16 -13.76
N ALA B 254 5.64 24.39 -13.93
CA ALA B 254 4.63 23.41 -13.55
C ALA B 254 3.57 23.38 -14.66
N LEU B 255 3.21 22.17 -15.06
CA LEU B 255 2.24 21.98 -16.13
C LEU B 255 1.18 20.99 -15.66
N ARG B 256 -0.08 21.35 -15.81
CA ARG B 256 -1.18 20.48 -15.41
C ARG B 256 -2.23 20.60 -16.49
N GLY B 257 -2.48 19.50 -17.21
CA GLY B 257 -3.32 19.52 -18.40
C GLY B 257 -2.82 20.53 -19.40
N ASN B 258 -3.67 21.52 -19.70
CA ASN B 258 -3.32 22.59 -20.64
C ASN B 258 -2.94 23.93 -19.98
N ARG B 259 -2.48 23.90 -18.75
CA ARG B 259 -2.05 25.11 -18.06
C ARG B 259 -0.56 24.98 -17.77
N LEU B 260 0.22 25.88 -18.32
CA LEU B 260 1.62 26.03 -17.97
C LEU B 260 1.82 27.20 -17.00
N SER B 261 2.43 26.94 -15.86
CA SER B 261 2.77 27.97 -14.87
C SER B 261 4.27 28.10 -14.72
N ILE B 262 4.81 29.31 -14.81
CA ILE B 262 6.22 29.53 -14.57
C ILE B 262 6.29 30.44 -13.35
N HIS B 263 6.76 29.89 -12.23
CA HIS B 263 6.79 30.59 -10.95
C HIS B 263 8.18 31.18 -10.78
N HIS B 264 8.30 32.50 -10.80
CA HIS B 264 9.62 33.13 -10.62
C HIS B 264 9.88 33.35 -9.15
N LEU B 265 11.09 33.02 -8.73
CA LEU B 265 11.47 33.07 -7.33
C LEU B 265 11.29 34.53 -6.86
N GLY B 266 10.50 34.72 -5.80
CA GLY B 266 10.20 36.06 -5.28
C GLY B 266 9.66 36.99 -6.34
N GLY B 267 8.78 36.47 -7.19
CA GLY B 267 8.26 37.22 -8.33
C GLY B 267 6.88 36.75 -8.76
N ARG B 268 6.50 37.11 -9.98
CA ARG B 268 5.18 36.76 -10.52
C ARG B 268 5.19 35.29 -11.01
N THR B 269 3.99 34.73 -11.19
CA THR B 269 3.78 33.46 -11.87
C THR B 269 3.14 33.72 -13.24
N GLU B 270 3.86 33.42 -14.32
CA GLU B 270 3.28 33.48 -15.65
C GLU B 270 2.40 32.26 -15.90
N GLN B 271 1.19 32.48 -16.41
CA GLN B 271 0.23 31.43 -16.73
C GLN B 271 0.00 31.45 -18.24
N THR B 272 0.14 30.30 -18.89
CA THR B 272 -0.14 30.15 -20.31
C THR B 272 -1.15 29.03 -20.45
N GLU B 273 -2.17 29.26 -21.26
CA GLU B 273 -3.10 28.20 -21.57
C GLU B 273 -2.56 27.56 -22.84
N ILE B 274 -2.54 26.23 -22.89
CA ILE B 274 -2.00 25.56 -24.05
C ILE B 274 -3.18 25.12 -24.93
N ALA B 275 -3.14 25.48 -26.20
CA ALA B 275 -4.31 25.47 -27.05
C ALA B 275 -4.60 24.12 -27.68
N THR B 276 -3.55 23.38 -28.02
CA THR B 276 -3.69 22.15 -28.80
C THR B 276 -2.83 21.02 -28.22
N ALA B 277 -3.17 19.79 -28.61
CA ALA B 277 -2.36 18.61 -28.25
C ALA B 277 -0.94 18.76 -28.79
N ALA B 278 -0.81 19.29 -30.02
CA ALA B 278 0.50 19.50 -30.62
C ALA B 278 1.30 20.52 -29.83
N ASP B 279 0.65 21.57 -29.35
CA ASP B 279 1.33 22.62 -28.57
C ASP B 279 1.74 22.08 -27.19
N LEU B 280 0.89 21.22 -26.61
CA LEU B 280 1.23 20.56 -25.35
C LEU B 280 2.48 19.71 -25.49
N ALA B 281 2.51 18.88 -26.54
CA ALA B 281 3.66 18.07 -26.79
C ALA B 281 4.93 18.92 -27.03
N ASP B 282 4.79 20.01 -27.79
CA ASP B 282 5.88 20.89 -28.06
C ASP B 282 6.41 21.53 -26.77
N THR B 283 5.51 21.91 -25.87
CA THR B 283 5.86 22.54 -24.59
C THR B 283 6.61 21.56 -23.68
N LEU B 284 6.11 20.34 -23.64
CA LEU B 284 6.75 19.28 -22.90
C LEU B 284 8.13 18.99 -23.45
N GLN B 285 8.24 18.78 -24.75
CA GLN B 285 9.50 18.37 -25.37
C GLN B 285 10.52 19.47 -25.53
N GLY B 286 10.07 20.72 -25.72
CA GLY B 286 10.99 21.84 -25.93
C GLY B 286 11.30 22.48 -24.60
N LEU B 287 10.41 23.38 -24.16
CA LEU B 287 10.55 24.12 -22.92
C LEU B 287 10.94 23.23 -21.75
N LEU B 288 10.20 22.16 -21.52
CA LEU B 288 10.38 21.35 -20.30
C LEU B 288 11.38 20.20 -20.41
N GLY B 289 11.86 19.91 -21.62
CA GLY B 289 12.92 18.90 -21.84
C GLY B 289 12.44 17.51 -21.47
N ILE B 290 11.14 17.27 -21.64
CA ILE B 290 10.55 15.97 -21.32
C ILE B 290 10.50 15.08 -22.58
N ILE B 291 10.82 13.81 -22.40
CA ILE B 291 10.80 12.84 -23.50
C ILE B 291 9.42 12.24 -23.66
N ILE B 292 8.92 12.22 -24.92
CA ILE B 292 7.68 11.58 -25.21
C ILE B 292 7.98 10.48 -26.24
N PRO B 293 8.01 9.22 -25.80
CA PRO B 293 8.49 8.15 -26.66
C PRO B 293 7.60 7.95 -27.89
N ASP B 294 6.30 8.09 -27.72
CA ASP B 294 5.36 7.91 -28.85
C ASP B 294 4.47 9.14 -28.88
N ARG B 295 4.92 10.17 -29.58
CA ARG B 295 4.18 11.44 -29.62
C ARG B 295 2.77 11.29 -30.24
N THR B 296 2.63 10.41 -31.22
CA THR B 296 1.37 10.22 -31.90
C THR B 296 0.34 9.71 -30.93
N ALA B 297 0.72 8.68 -30.17
CA ALA B 297 -0.19 8.13 -29.20
C ALA B 297 -0.49 9.16 -28.12
N PHE B 298 0.55 9.90 -27.71
CA PHE B 298 0.36 10.93 -26.72
C PHE B 298 -0.69 11.96 -27.15
N GLU B 299 -0.45 12.58 -28.28
CA GLU B 299 -1.37 13.62 -28.82
C GLU B 299 -2.77 13.02 -29.00
N ALA B 300 -2.83 11.80 -29.52
CA ALA B 300 -4.12 11.12 -29.75
C ALA B 300 -4.91 10.99 -28.50
N LYS B 301 -4.22 10.58 -27.43
CA LYS B 301 -4.88 10.52 -26.12
C LYS B 301 -5.30 11.87 -25.61
N VAL B 302 -4.44 12.86 -25.77
CA VAL B 302 -4.78 14.21 -25.29
C VAL B 302 -6.08 14.71 -25.97
N ARG B 303 -6.22 14.41 -27.25
CA ARG B 303 -7.39 14.87 -28.02
C ARG B 303 -8.65 14.10 -27.62
N GLU B 304 -8.53 12.78 -27.56
CA GLU B 304 -9.68 11.99 -27.19
C GLU B 304 -10.18 12.28 -25.75
N THR B 305 -9.27 12.55 -24.82
CA THR B 305 -9.65 12.78 -23.43
C THR B 305 -9.96 14.24 -23.11
N LYS B 306 -9.87 15.12 -24.10
CA LYS B 306 -10.24 16.52 -23.93
C LYS B 306 -9.39 17.32 -22.92
N ILE B 307 -8.14 16.92 -22.72
CA ILE B 307 -7.22 17.68 -21.84
C ILE B 307 -7.09 19.15 -22.28
N VAL B 308 -7.09 19.40 -23.59
CA VAL B 308 -6.90 20.78 -24.07
C VAL B 308 -8.18 21.63 -24.24
N GLU B 309 -8.91 21.81 -23.13
CA GLU B 309 -9.87 22.92 -22.99
C GLU B 309 -10.22 23.22 -21.53
#